data_4H6X
#
_entry.id   4H6X
#
_cell.length_a   133.940
_cell.length_b   66.919
_cell.length_c   105.605
_cell.angle_alpha   90.000
_cell.angle_beta   112.170
_cell.angle_gamma   90.000
#
_symmetry.space_group_name_H-M   'C 1 2 1'
#
loop_
_entity.id
_entity.type
_entity.pdbx_description
1 polymer 'Thiazoline oxidase/subtilisin-like protease'
2 water water
#
_entity_poly.entity_id   1
_entity_poly.type   'polypeptide(L)'
_entity_poly.pdbx_seq_one_letter_code
;GSHQKVALHPHDLDERIPGLADLHNQTLGDPQITIVIIDGDPDYTLSCFEGAEVSKVFPYWHEPAEPITPEDYAAFQSIR
DQGLKGKEKEEALEAVIPDTKDRIVLNDHACHVTSTIVGQEHSPVFGIAPNCRVINMPQDAVIRGNYDDVMSPLNLARAI
DLALELGANIIHCAFCRPTQTSEGEEILVQAIKKCQDNNVLIVSPTGNNSNESWCLPAVLPGTLAVGAAKVDGTPCHFSN
WGGNNTKEGILAPGEEILGAQPCTEEPVRLTGTSMAAPVMTGISALLMSLQVQQGKPVDAEAVRTALLKTAIPCDPEVVE
EPERCLRGFVNIPGAMKVLFGQPSVTVSFAGGQATRT
;
_entity_poly.pdbx_strand_id   A,B
#
# COMPACT_ATOMS: atom_id res chain seq x y z
N ALA A 7 -5.30 -12.08 -43.83
CA ALA A 7 -5.54 -12.25 -42.34
C ALA A 7 -4.94 -13.55 -41.79
N LEU A 8 -3.69 -13.48 -41.34
CA LEU A 8 -3.01 -14.64 -40.73
C LEU A 8 -3.69 -15.11 -39.44
N HIS A 9 -4.41 -14.21 -38.78
CA HIS A 9 -5.09 -14.56 -37.54
C HIS A 9 -6.50 -13.96 -37.51
N PRO A 10 -7.44 -14.61 -38.23
CA PRO A 10 -8.81 -14.11 -38.35
C PRO A 10 -9.39 -13.82 -36.96
N HIS A 11 -9.94 -12.63 -36.80
CA HIS A 11 -10.51 -12.21 -35.53
C HIS A 11 -11.93 -11.77 -35.79
N ASP A 12 -12.80 -11.99 -34.82
CA ASP A 12 -14.22 -11.62 -34.88
C ASP A 12 -14.47 -10.17 -35.31
N LEU A 13 -13.53 -9.27 -34.97
CA LEU A 13 -13.71 -7.84 -35.20
C LEU A 13 -12.96 -7.31 -36.43
N ASP A 14 -12.29 -8.21 -37.15
CA ASP A 14 -11.54 -7.83 -38.36
C ASP A 14 -12.35 -6.95 -39.31
N GLU A 15 -13.60 -7.34 -39.57
CA GLU A 15 -14.45 -6.61 -40.50
C GLU A 15 -14.95 -5.30 -39.92
N ARG A 16 -15.06 -5.23 -38.60
CA ARG A 16 -15.55 -4.02 -37.95
C ARG A 16 -14.42 -3.02 -37.67
N ILE A 17 -13.18 -3.49 -37.72
CA ILE A 17 -12.02 -2.64 -37.41
C ILE A 17 -10.99 -2.69 -38.54
N PRO A 18 -11.09 -1.74 -39.49
CA PRO A 18 -10.11 -1.62 -40.56
C PRO A 18 -8.69 -1.63 -40.00
N GLY A 19 -7.80 -2.44 -40.57
CA GLY A 19 -6.40 -2.48 -40.13
C GLY A 19 -6.09 -3.51 -39.05
N LEU A 20 -7.13 -4.07 -38.42
CA LEU A 20 -6.91 -5.02 -37.32
C LEU A 20 -6.20 -6.27 -37.81
N ALA A 21 -6.71 -6.86 -38.91
CA ALA A 21 -6.11 -8.06 -39.46
C ALA A 21 -4.63 -7.82 -39.81
N ASP A 22 -4.35 -6.69 -40.48
CA ASP A 22 -2.97 -6.30 -40.84
C ASP A 22 -2.07 -6.08 -39.62
N LEU A 23 -2.60 -5.47 -38.58
CA LEU A 23 -1.81 -5.31 -37.35
C LEU A 23 -1.58 -6.69 -36.74
N HIS A 24 -2.62 -7.52 -36.69
CA HIS A 24 -2.46 -8.91 -36.20
C HIS A 24 -1.40 -9.68 -37.00
N ASN A 25 -1.34 -9.41 -38.31
CA ASN A 25 -0.33 -10.04 -39.16
C ASN A 25 1.09 -9.71 -38.74
N GLN A 26 1.26 -8.56 -38.07
CA GLN A 26 2.57 -8.09 -37.61
C GLN A 26 2.88 -8.48 -36.16
N THR A 27 1.85 -8.40 -35.29
CA THR A 27 2.00 -8.78 -33.88
C THR A 27 0.69 -9.30 -33.26
N LEU A 28 0.82 -10.26 -32.34
CA LEU A 28 -0.29 -10.61 -31.45
C LEU A 28 0.03 -10.15 -30.03
N GLY A 29 1.05 -9.31 -29.91
CA GLY A 29 1.47 -8.73 -28.63
C GLY A 29 2.85 -9.18 -28.21
N ASP A 30 3.39 -8.49 -27.21
CA ASP A 30 4.70 -8.80 -26.68
C ASP A 30 4.64 -8.89 -25.15
N PRO A 31 5.19 -9.96 -24.57
CA PRO A 31 5.18 -10.16 -23.11
C PRO A 31 5.91 -9.08 -22.30
N GLN A 32 6.62 -8.18 -22.97
CA GLN A 32 7.22 -7.03 -22.28
C GLN A 32 6.17 -5.93 -22.04
N ILE A 33 5.00 -6.06 -22.67
CA ILE A 33 3.91 -5.10 -22.46
C ILE A 33 2.98 -5.70 -21.42
N THR A 34 2.85 -5.00 -20.30
CA THR A 34 2.01 -5.41 -19.18
C THR A 34 0.75 -4.58 -19.10
N ILE A 35 -0.41 -5.26 -19.13
CA ILE A 35 -1.71 -4.61 -18.97
C ILE A 35 -2.22 -5.00 -17.58
N VAL A 36 -2.54 -4.01 -16.76
CA VAL A 36 -3.16 -4.29 -15.45
C VAL A 36 -4.63 -3.94 -15.56
N ILE A 37 -5.47 -4.91 -15.22
CA ILE A 37 -6.91 -4.77 -15.33
C ILE A 37 -7.51 -4.62 -13.95
N ILE A 38 -8.04 -3.42 -13.71
CA ILE A 38 -8.72 -3.10 -12.46
C ILE A 38 -10.21 -3.36 -12.68
N ASP A 39 -10.69 -4.50 -12.17
CA ASP A 39 -12.05 -4.95 -12.45
C ASP A 39 -12.36 -6.02 -11.41
N GLY A 40 -13.31 -6.90 -11.70
CA GLY A 40 -13.62 -8.04 -10.80
C GLY A 40 -12.62 -9.18 -10.91
N ASP A 41 -13.03 -10.34 -10.40
CA ASP A 41 -12.19 -11.52 -10.34
C ASP A 41 -12.58 -12.49 -11.46
N PRO A 42 -11.72 -12.62 -12.49
CA PRO A 42 -12.00 -13.46 -13.65
C PRO A 42 -11.73 -14.94 -13.37
N ASP A 43 -12.27 -15.79 -14.24
CA ASP A 43 -12.23 -17.23 -14.03
C ASP A 43 -11.11 -17.81 -14.88
N TYR A 44 -9.98 -18.09 -14.25
CA TYR A 44 -8.79 -18.61 -14.93
C TYR A 44 -8.84 -20.09 -15.31
N THR A 45 -9.95 -20.77 -15.03
CA THR A 45 -10.13 -22.15 -15.51
C THR A 45 -10.64 -22.20 -16.96
N LEU A 46 -11.07 -21.07 -17.52
CA LEU A 46 -11.58 -21.05 -18.90
C LEU A 46 -10.45 -21.26 -19.90
N SER A 47 -10.72 -22.08 -20.92
CA SER A 47 -9.68 -22.47 -21.88
C SER A 47 -9.11 -21.29 -22.66
N CYS A 48 -9.90 -20.24 -22.83
CA CYS A 48 -9.39 -19.03 -23.50
C CYS A 48 -8.17 -18.42 -22.82
N PHE A 49 -7.97 -18.75 -21.54
CA PHE A 49 -6.81 -18.29 -20.79
C PHE A 49 -5.67 -19.33 -20.75
N GLU A 50 -5.94 -20.52 -21.30
CA GLU A 50 -4.94 -21.57 -21.41
C GLU A 50 -3.75 -21.14 -22.28
N GLY A 51 -2.61 -20.92 -21.64
CA GLY A 51 -1.44 -20.41 -22.35
C GLY A 51 -1.32 -18.88 -22.35
N ALA A 52 -2.32 -18.17 -21.82
CA ALA A 52 -2.24 -16.72 -21.66
C ALA A 52 -1.27 -16.39 -20.52
N GLU A 53 -0.52 -15.30 -20.68
CA GLU A 53 0.33 -14.84 -19.60
C GLU A 53 -0.51 -14.01 -18.63
N VAL A 54 -1.39 -14.68 -17.87
CA VAL A 54 -2.26 -14.00 -16.91
C VAL A 54 -1.88 -14.33 -15.47
N SER A 55 -2.03 -13.36 -14.57
CA SER A 55 -1.89 -13.64 -13.13
C SER A 55 -2.71 -12.64 -12.33
N LYS A 56 -3.09 -13.02 -11.11
CA LYS A 56 -3.87 -12.15 -10.25
C LYS A 56 -3.02 -11.55 -9.14
N VAL A 57 -3.19 -10.25 -8.92
CA VAL A 57 -2.66 -9.59 -7.75
C VAL A 57 -3.84 -8.93 -7.04
N PHE A 58 -4.24 -9.52 -5.92
CA PHE A 58 -5.37 -9.01 -5.13
C PHE A 58 -4.88 -7.86 -4.27
N PRO A 59 -5.60 -6.73 -4.26
CA PRO A 59 -5.19 -5.61 -3.41
C PRO A 59 -5.07 -6.12 -1.96
N TYR A 60 -3.89 -5.96 -1.37
CA TYR A 60 -3.62 -6.54 -0.05
C TYR A 60 -4.40 -5.87 1.09
N TRP A 61 -4.93 -4.68 0.80
CA TRP A 61 -5.75 -3.93 1.75
C TRP A 61 -7.23 -4.35 1.77
N HIS A 62 -7.61 -5.29 0.91
CA HIS A 62 -8.97 -5.85 0.92
C HIS A 62 -9.08 -7.08 1.82
N GLU A 63 -10.19 -7.17 2.56
CA GLU A 63 -10.55 -8.43 3.21
C GLU A 63 -10.98 -9.41 2.11
N PRO A 64 -10.43 -10.64 2.10
CA PRO A 64 -10.85 -11.59 1.07
C PRO A 64 -12.34 -11.94 1.19
N ALA A 65 -13.03 -12.01 0.07
CA ALA A 65 -14.46 -12.36 0.09
C ALA A 65 -14.62 -13.87 -0.13
N GLU A 66 -15.78 -14.39 0.25
CA GLU A 66 -16.10 -15.79 -0.02
C GLU A 66 -16.22 -16.04 -1.53
N PRO A 67 -15.61 -17.12 -2.02
CA PRO A 67 -15.78 -17.50 -3.42
C PRO A 67 -17.27 -17.65 -3.75
N ILE A 68 -17.63 -17.29 -4.98
CA ILE A 68 -19.00 -17.38 -5.46
C ILE A 68 -19.18 -18.78 -6.06
N THR A 69 -20.28 -19.46 -5.73
CA THR A 69 -20.51 -20.82 -6.24
C THR A 69 -20.80 -20.81 -7.74
N PRO A 70 -20.48 -21.94 -8.43
CA PRO A 70 -20.90 -22.07 -9.83
C PRO A 70 -22.41 -21.92 -9.98
N GLU A 71 -23.16 -22.40 -8.99
CA GLU A 71 -24.62 -22.33 -9.03
C GLU A 71 -25.11 -20.87 -9.08
N ASP A 72 -24.46 -20.01 -8.30
CA ASP A 72 -24.78 -18.58 -8.33
C ASP A 72 -24.50 -17.96 -9.70
N TYR A 73 -23.35 -18.28 -10.29
CA TYR A 73 -23.07 -17.80 -11.65
C TYR A 73 -24.11 -18.33 -12.65
N ALA A 74 -24.46 -19.62 -12.53
CA ALA A 74 -25.44 -20.24 -13.45
C ALA A 74 -26.78 -19.55 -13.37
N ALA A 75 -27.17 -19.16 -12.16
CA ALA A 75 -28.41 -18.43 -11.96
C ALA A 75 -28.39 -17.08 -12.67
N PHE A 76 -27.29 -16.33 -12.50
CA PHE A 76 -27.12 -15.06 -13.21
C PHE A 76 -27.16 -15.28 -14.73
N GLN A 77 -26.46 -16.31 -15.19
CA GLN A 77 -26.35 -16.55 -16.62
C GLN A 77 -27.65 -17.01 -17.27
N SER A 78 -28.46 -17.77 -16.51
CA SER A 78 -29.81 -18.15 -16.97
C SER A 78 -30.71 -16.94 -17.14
N ILE A 79 -30.69 -16.05 -16.17
CA ILE A 79 -31.43 -14.79 -16.25
C ILE A 79 -31.01 -13.92 -17.45
N ARG A 80 -29.71 -13.85 -17.72
CA ARG A 80 -29.22 -13.13 -18.90
C ARG A 80 -29.70 -13.82 -20.19
N ASP A 81 -29.51 -15.12 -20.26
CA ASP A 81 -29.94 -15.93 -21.42
C ASP A 81 -31.44 -15.81 -21.73
N GLN A 82 -32.24 -15.58 -20.70
CA GLN A 82 -33.68 -15.38 -20.83
C GLN A 82 -34.03 -14.03 -21.42
N GLY A 83 -33.12 -13.08 -21.30
CA GLY A 83 -33.30 -11.76 -21.88
C GLY A 83 -34.21 -10.87 -21.06
N LEU A 84 -34.33 -11.18 -19.77
CA LEU A 84 -35.07 -10.32 -18.83
C LEU A 84 -34.43 -8.93 -18.78
N LYS A 85 -35.24 -7.89 -18.58
CA LYS A 85 -34.82 -6.53 -18.88
C LYS A 85 -34.70 -5.59 -17.69
N GLY A 86 -35.71 -4.74 -17.50
CA GLY A 86 -35.65 -3.73 -16.44
C GLY A 86 -35.99 -4.32 -15.08
N LYS A 87 -37.21 -4.06 -14.64
CA LYS A 87 -37.67 -4.49 -13.33
C LYS A 87 -37.81 -6.01 -13.22
N GLU A 88 -38.18 -6.66 -14.32
CA GLU A 88 -38.26 -8.12 -14.36
C GLU A 88 -36.91 -8.75 -14.02
N LYS A 89 -35.83 -8.20 -14.59
CA LYS A 89 -34.49 -8.69 -14.34
C LYS A 89 -34.09 -8.47 -12.88
N GLU A 90 -34.36 -7.28 -12.36
CA GLU A 90 -34.02 -6.93 -10.97
C GLU A 90 -34.70 -7.85 -9.97
N GLU A 91 -35.98 -8.13 -10.20
CA GLU A 91 -36.74 -9.00 -9.31
C GLU A 91 -36.23 -10.44 -9.34
N ALA A 92 -35.89 -10.93 -10.53
CA ALA A 92 -35.37 -12.28 -10.70
C ALA A 92 -34.02 -12.48 -10.01
N LEU A 93 -33.13 -11.48 -10.12
CA LEU A 93 -31.81 -11.52 -9.45
C LEU A 93 -31.96 -11.55 -7.96
N GLU A 94 -32.87 -10.68 -7.47
CA GLU A 94 -33.17 -10.57 -6.04
C GLU A 94 -33.80 -11.85 -5.50
N ALA A 95 -34.60 -12.52 -6.33
CA ALA A 95 -35.27 -13.77 -5.94
C ALA A 95 -34.28 -14.92 -5.70
N VAL A 96 -33.15 -14.93 -6.41
CA VAL A 96 -32.28 -16.10 -6.42
C VAL A 96 -30.83 -15.83 -5.98
N ILE A 97 -30.28 -14.68 -6.35
CA ILE A 97 -28.91 -14.35 -5.92
C ILE A 97 -28.83 -12.95 -5.31
N PRO A 98 -29.65 -12.66 -4.27
CA PRO A 98 -29.72 -11.30 -3.73
C PRO A 98 -28.38 -10.82 -3.14
N ASP A 99 -27.63 -11.73 -2.53
CA ASP A 99 -26.42 -11.37 -1.81
C ASP A 99 -25.15 -11.45 -2.65
N THR A 100 -25.22 -12.04 -3.83
CA THR A 100 -24.03 -12.19 -4.66
C THR A 100 -24.13 -11.54 -6.05
N LYS A 101 -25.30 -11.05 -6.41
CA LYS A 101 -25.53 -10.46 -7.73
C LYS A 101 -24.57 -9.32 -8.09
N ASP A 102 -24.26 -8.46 -7.12
CA ASP A 102 -23.41 -7.28 -7.37
C ASP A 102 -21.99 -7.72 -7.69
N ARG A 103 -21.45 -8.62 -6.88
CA ARG A 103 -20.11 -9.18 -7.12
C ARG A 103 -20.08 -9.97 -8.42
N ILE A 104 -21.17 -10.67 -8.73
CA ILE A 104 -21.22 -11.45 -9.97
C ILE A 104 -21.13 -10.55 -11.20
N VAL A 105 -21.88 -9.45 -11.20
CA VAL A 105 -21.80 -8.47 -12.29
C VAL A 105 -20.34 -8.10 -12.54
N LEU A 106 -19.62 -7.76 -11.47
CA LEU A 106 -18.21 -7.35 -11.57
C LEU A 106 -17.29 -8.47 -12.03
N ASN A 107 -17.49 -9.68 -11.48
CA ASN A 107 -16.62 -10.80 -11.84
C ASN A 107 -16.90 -11.29 -13.24
N ASP A 108 -18.19 -11.27 -13.61
CA ASP A 108 -18.61 -11.64 -14.95
C ASP A 108 -17.96 -10.67 -15.96
N HIS A 109 -18.01 -9.38 -15.63
CA HIS A 109 -17.45 -8.32 -16.47
C HIS A 109 -15.93 -8.51 -16.65
N ALA A 110 -15.25 -8.84 -15.55
CA ALA A 110 -13.83 -9.15 -15.57
C ALA A 110 -13.51 -10.31 -16.51
N CYS A 111 -14.33 -11.37 -16.50
CA CYS A 111 -14.05 -12.51 -17.41
C CYS A 111 -14.13 -12.07 -18.85
N HIS A 112 -15.16 -11.29 -19.15
CA HIS A 112 -15.43 -10.83 -20.49
C HIS A 112 -14.30 -9.91 -20.97
N VAL A 113 -14.05 -8.86 -20.20
CA VAL A 113 -13.02 -7.86 -20.51
C VAL A 113 -11.65 -8.53 -20.69
N THR A 114 -11.28 -9.41 -19.76
CA THR A 114 -9.96 -10.04 -19.81
C THR A 114 -9.81 -10.93 -21.05
N SER A 115 -10.86 -11.69 -21.36
CA SER A 115 -10.86 -12.55 -22.57
C SER A 115 -10.78 -11.72 -23.86
N THR A 116 -11.43 -10.56 -23.87
CA THR A 116 -11.38 -9.64 -25.02
C THR A 116 -9.96 -9.16 -25.31
N ILE A 117 -9.21 -8.96 -24.23
CA ILE A 117 -7.85 -8.47 -24.34
C ILE A 117 -6.89 -9.60 -24.65
N VAL A 118 -7.03 -10.72 -23.95
CA VAL A 118 -5.95 -11.71 -23.95
C VAL A 118 -6.36 -13.16 -24.28
N GLY A 119 -7.62 -13.39 -24.58
CA GLY A 119 -8.05 -14.75 -24.92
C GLY A 119 -7.20 -15.34 -26.04
N GLN A 120 -6.83 -16.60 -25.88
CA GLN A 120 -5.93 -17.27 -26.83
C GLN A 120 -6.59 -17.61 -28.17
N GLU A 121 -5.82 -17.54 -29.25
CA GLU A 121 -6.39 -17.86 -30.56
C GLU A 121 -6.79 -19.33 -30.57
N HIS A 122 -7.86 -19.67 -31.29
CA HIS A 122 -8.38 -21.04 -31.41
C HIS A 122 -9.20 -21.49 -30.20
N SER A 123 -9.28 -20.65 -29.18
CA SER A 123 -10.14 -20.90 -28.03
C SER A 123 -11.52 -20.31 -28.35
N PRO A 124 -12.50 -20.45 -27.43
CA PRO A 124 -13.81 -19.83 -27.67
C PRO A 124 -13.73 -18.29 -27.73
N VAL A 125 -12.70 -17.70 -27.12
CA VAL A 125 -12.49 -16.25 -27.20
C VAL A 125 -11.06 -15.90 -27.59
N PHE A 126 -10.92 -15.37 -28.79
CA PHE A 126 -9.64 -14.93 -29.31
C PHE A 126 -9.53 -13.42 -29.04
N GLY A 127 -8.66 -13.03 -28.12
CA GLY A 127 -8.53 -11.62 -27.74
C GLY A 127 -7.71 -10.80 -28.72
N ILE A 128 -7.69 -9.49 -28.53
CA ILE A 128 -6.94 -8.58 -29.40
C ILE A 128 -5.44 -8.80 -29.25
N ALA A 129 -4.99 -9.05 -28.02
CA ALA A 129 -3.56 -9.11 -27.75
C ALA A 129 -3.17 -10.32 -26.89
N PRO A 130 -3.37 -11.54 -27.45
CA PRO A 130 -3.15 -12.79 -26.69
C PRO A 130 -1.72 -13.00 -26.17
N ASN A 131 -0.74 -12.27 -26.71
CA ASN A 131 0.66 -12.49 -26.31
C ASN A 131 1.24 -11.49 -25.31
N CYS A 132 0.45 -10.49 -24.94
CA CYS A 132 0.86 -9.55 -23.88
C CYS A 132 0.70 -10.16 -22.51
N ARG A 133 1.42 -9.60 -21.54
CA ARG A 133 1.32 -10.02 -20.14
C ARG A 133 0.14 -9.29 -19.50
N VAL A 134 -0.72 -10.04 -18.82
CA VAL A 134 -1.89 -9.43 -18.18
C VAL A 134 -1.88 -9.74 -16.70
N ILE A 135 -2.05 -8.69 -15.89
CA ILE A 135 -2.29 -8.82 -14.45
C ILE A 135 -3.70 -8.36 -14.13
N ASN A 136 -4.53 -9.27 -13.64
CA ASN A 136 -5.82 -8.89 -13.08
C ASN A 136 -5.66 -8.45 -11.62
N MET A 137 -6.23 -7.31 -11.28
CA MET A 137 -6.25 -6.85 -9.90
C MET A 137 -7.72 -6.79 -9.43
N PRO A 138 -8.26 -7.93 -8.95
CA PRO A 138 -9.71 -7.99 -8.69
C PRO A 138 -10.14 -7.09 -7.55
N GLN A 139 -11.32 -6.49 -7.70
CA GLN A 139 -11.86 -5.51 -6.77
C GLN A 139 -13.18 -5.98 -6.10
N ASP A 140 -13.61 -7.21 -6.36
CA ASP A 140 -14.99 -7.58 -5.98
C ASP A 140 -15.19 -7.70 -4.46
N ALA A 141 -14.08 -7.89 -3.76
CA ALA A 141 -14.11 -8.09 -2.32
C ALA A 141 -14.56 -6.85 -1.55
N VAL A 142 -14.30 -5.66 -2.10
CA VAL A 142 -14.89 -4.43 -1.52
C VAL A 142 -16.42 -4.45 -1.53
N PRO A 153 -13.12 6.08 -4.98
CA PRO A 153 -12.07 6.92 -5.56
C PRO A 153 -10.76 6.71 -4.82
N LEU A 154 -10.81 6.66 -3.49
CA LEU A 154 -9.66 6.29 -2.69
C LEU A 154 -9.16 4.89 -3.04
N ASN A 155 -10.07 3.92 -3.10
CA ASN A 155 -9.70 2.56 -3.45
C ASN A 155 -9.12 2.46 -4.86
N LEU A 156 -9.71 3.21 -5.79
CA LEU A 156 -9.21 3.20 -7.15
C LEU A 156 -7.81 3.82 -7.22
N ALA A 157 -7.62 4.92 -6.49
CA ALA A 157 -6.30 5.56 -6.39
C ALA A 157 -5.24 4.57 -5.87
N ARG A 158 -5.57 3.89 -4.78
CA ARG A 158 -4.68 2.87 -4.22
C ARG A 158 -4.39 1.75 -5.24
N ALA A 159 -5.42 1.31 -5.95
CA ALA A 159 -5.24 0.30 -7.00
C ALA A 159 -4.28 0.75 -8.12
N ILE A 160 -4.42 2.00 -8.54
CA ILE A 160 -3.57 2.57 -9.60
C ILE A 160 -2.10 2.64 -9.14
N ASP A 161 -1.87 3.13 -7.90
CA ASP A 161 -0.49 3.17 -7.35
C ASP A 161 0.09 1.78 -7.36
N LEU A 162 -0.70 0.78 -6.95
CA LEU A 162 -0.21 -0.60 -6.99
C LEU A 162 0.07 -1.07 -8.42
N ALA A 163 -0.87 -0.83 -9.34
CA ALA A 163 -0.69 -1.19 -10.75
C ALA A 163 0.60 -0.61 -11.33
N LEU A 164 0.90 0.66 -11.01
CA LEU A 164 2.17 1.27 -11.41
C LEU A 164 3.37 0.48 -10.90
N GLU A 165 3.35 0.15 -9.61
CA GLU A 165 4.44 -0.60 -9.01
C GLU A 165 4.59 -2.01 -9.61
N LEU A 166 3.48 -2.57 -10.08
CA LEU A 166 3.51 -3.86 -10.75
C LEU A 166 4.09 -3.83 -12.17
N GLY A 167 4.41 -2.65 -12.69
CA GLY A 167 5.01 -2.58 -14.04
C GLY A 167 4.03 -2.39 -15.19
N ALA A 168 2.83 -1.88 -14.89
CA ALA A 168 1.85 -1.60 -15.93
C ALA A 168 2.45 -0.66 -16.96
N ASN A 169 2.24 -1.04 -18.22
CA ASN A 169 2.36 -0.15 -19.37
C ASN A 169 0.99 0.48 -19.65
N ILE A 170 -0.05 -0.31 -19.41
CA ILE A 170 -1.44 0.12 -19.60
C ILE A 170 -2.21 -0.32 -18.37
N ILE A 171 -3.01 0.58 -17.83
CA ILE A 171 -3.95 0.28 -16.76
C ILE A 171 -5.35 0.44 -17.33
N HIS A 172 -6.10 -0.66 -17.36
CA HIS A 172 -7.49 -0.67 -17.78
C HIS A 172 -8.41 -0.56 -16.57
N CYS A 173 -9.14 0.55 -16.47
CA CYS A 173 -10.09 0.79 -15.36
C CYS A 173 -11.53 0.75 -15.84
N ALA A 174 -12.33 -0.12 -15.20
CA ALA A 174 -13.79 -0.14 -15.35
C ALA A 174 -14.23 -0.35 -16.80
N GLU A 186 -9.69 13.75 -5.50
CA GLU A 186 -8.41 14.47 -5.61
C GLU A 186 -7.21 13.51 -5.53
N ILE A 187 -7.27 12.56 -4.60
CA ILE A 187 -6.28 11.48 -4.55
C ILE A 187 -6.26 10.72 -5.89
N LEU A 188 -7.44 10.57 -6.50
CA LEU A 188 -7.59 9.86 -7.76
C LEU A 188 -7.04 10.66 -8.91
N VAL A 189 -7.39 11.96 -8.96
CA VAL A 189 -6.83 12.90 -9.94
C VAL A 189 -5.28 12.85 -9.95
N GLN A 190 -4.66 12.88 -8.79
CA GLN A 190 -3.19 12.83 -8.70
C GLN A 190 -2.62 11.50 -9.17
N ALA A 191 -3.30 10.39 -8.83
CA ALA A 191 -2.85 9.07 -9.28
C ALA A 191 -2.92 8.96 -10.81
N ILE A 192 -3.94 9.56 -11.40
CA ILE A 192 -4.11 9.54 -12.86
C ILE A 192 -2.97 10.34 -13.49
N LYS A 193 -2.67 11.51 -12.92
CA LYS A 193 -1.55 12.33 -13.40
C LYS A 193 -0.21 11.61 -13.29
N LYS A 194 0.01 10.89 -12.19
CA LYS A 194 1.24 10.12 -12.02
C LYS A 194 1.43 9.06 -13.12
N CYS A 195 0.33 8.46 -13.59
CA CYS A 195 0.39 7.53 -14.73
C CYS A 195 0.94 8.26 -15.95
N GLN A 196 0.32 9.38 -16.30
CA GLN A 196 0.75 10.19 -17.45
C GLN A 196 2.21 10.63 -17.32
N ASP A 197 2.60 11.05 -16.12
CA ASP A 197 3.97 11.49 -15.86
C ASP A 197 4.98 10.35 -15.95
N ASN A 198 4.49 9.11 -15.85
CA ASN A 198 5.39 7.96 -15.87
C ASN A 198 5.23 7.04 -17.06
N ASN A 199 4.68 7.58 -18.14
CA ASN A 199 4.62 6.82 -19.41
C ASN A 199 3.67 5.59 -19.34
N VAL A 200 2.58 5.73 -18.59
CA VAL A 200 1.60 4.64 -18.44
C VAL A 200 0.24 5.12 -18.93
N LEU A 201 -0.33 4.39 -19.87
CA LEU A 201 -1.63 4.72 -20.45
C LEU A 201 -2.78 4.21 -19.56
N ILE A 202 -3.74 5.08 -19.29
CA ILE A 202 -4.99 4.75 -18.63
C ILE A 202 -6.09 4.66 -19.66
N VAL A 203 -6.80 3.53 -19.68
CA VAL A 203 -7.96 3.35 -20.57
C VAL A 203 -9.22 3.14 -19.73
N SER A 204 -10.26 3.87 -20.09
CA SER A 204 -11.48 3.85 -19.34
C SER A 204 -12.63 4.09 -20.31
N PRO A 205 -13.80 3.46 -20.07
CA PRO A 205 -14.99 3.70 -20.88
C PRO A 205 -15.63 5.02 -20.51
N THR A 206 -16.38 5.62 -21.42
CA THR A 206 -17.09 6.86 -21.08
C THR A 206 -18.30 6.64 -20.16
N GLY A 207 -18.89 5.44 -20.20
CA GLY A 207 -20.06 5.12 -19.36
C GLY A 207 -21.37 4.95 -20.10
N THR A 223 -5.12 10.27 -20.57
CA THR A 223 -5.98 9.07 -20.49
C THR A 223 -6.80 8.91 -21.76
N LEU A 224 -7.12 7.66 -22.08
CA LEU A 224 -7.91 7.35 -23.26
C LEU A 224 -9.31 6.96 -22.84
N ALA A 225 -10.26 7.85 -23.13
CA ALA A 225 -11.68 7.57 -22.94
C ALA A 225 -12.23 6.83 -24.16
N VAL A 226 -13.06 5.81 -23.93
CA VAL A 226 -13.56 5.01 -25.04
C VAL A 226 -15.09 4.96 -25.05
N GLY A 227 -15.67 5.33 -26.19
CA GLY A 227 -17.11 5.22 -26.41
C GLY A 227 -17.39 3.97 -27.22
N ALA A 228 -18.67 3.58 -27.27
CA ALA A 228 -19.10 2.37 -27.97
C ALA A 228 -19.78 2.68 -29.31
N ALA A 229 -19.28 2.02 -30.36
CA ALA A 229 -19.91 2.06 -31.68
C ALA A 229 -20.82 0.85 -31.88
N LYS A 230 -21.90 1.07 -32.62
CA LYS A 230 -22.77 -0.02 -33.07
C LYS A 230 -22.01 -0.89 -34.07
N VAL A 231 -22.54 -2.06 -34.38
CA VAL A 231 -21.99 -2.93 -35.42
C VAL A 231 -21.62 -2.19 -36.73
N ASP A 232 -22.35 -1.12 -37.06
CA ASP A 232 -22.09 -0.38 -38.30
C ASP A 232 -21.20 0.86 -38.15
N GLY A 233 -20.51 1.00 -37.02
CA GLY A 233 -19.57 2.10 -36.82
C GLY A 233 -20.12 3.37 -36.20
N THR A 234 -21.44 3.55 -36.21
CA THR A 234 -22.11 4.71 -35.57
C THR A 234 -22.20 4.53 -34.05
N PRO A 235 -22.24 5.65 -33.29
CA PRO A 235 -22.29 5.57 -31.83
C PRO A 235 -23.58 5.00 -31.26
N CYS A 236 -23.44 4.08 -30.30
CA CYS A 236 -24.58 3.61 -29.52
C CYS A 236 -25.16 4.81 -28.80
N HIS A 237 -26.48 4.80 -28.58
CA HIS A 237 -27.19 5.96 -28.01
C HIS A 237 -26.89 6.21 -26.53
N PHE A 238 -26.54 5.15 -25.81
CA PHE A 238 -26.25 5.24 -24.38
C PHE A 238 -24.83 5.75 -24.10
N SER A 239 -23.99 5.73 -25.13
CA SER A 239 -22.57 6.03 -25.02
C SER A 239 -22.31 7.49 -24.64
N ASN A 240 -21.78 7.72 -23.43
CA ASN A 240 -21.54 9.09 -22.93
C ASN A 240 -20.65 9.96 -23.83
N ASN A 244 -15.01 16.53 -22.08
CA ASN A 244 -13.71 15.89 -21.93
C ASN A 244 -13.70 14.47 -22.51
N ASN A 245 -14.87 13.82 -22.50
CA ASN A 245 -15.08 12.56 -23.21
C ASN A 245 -14.80 12.76 -24.69
N THR A 246 -15.20 13.93 -25.21
CA THR A 246 -15.03 14.26 -26.62
C THR A 246 -13.58 14.62 -26.95
N LYS A 247 -12.98 15.45 -26.09
CA LYS A 247 -11.61 15.94 -26.29
C LYS A 247 -10.58 14.82 -26.37
N GLU A 248 -10.67 13.88 -25.43
CA GLU A 248 -9.65 12.84 -25.27
C GLU A 248 -10.22 11.44 -25.44
N GLY A 249 -11.34 11.34 -26.18
CA GLY A 249 -12.00 10.06 -26.40
C GLY A 249 -12.00 9.52 -27.83
N ILE A 250 -12.20 8.21 -27.92
CA ILE A 250 -12.22 7.49 -29.18
C ILE A 250 -13.40 6.51 -29.16
N LEU A 251 -14.01 6.30 -30.32
CA LEU A 251 -15.08 5.34 -30.49
C LEU A 251 -14.52 4.02 -30.97
N ALA A 252 -15.04 2.91 -30.44
CA ALA A 252 -14.67 1.58 -30.90
C ALA A 252 -15.89 0.66 -30.85
N PRO A 253 -15.86 -0.49 -31.57
CA PRO A 253 -16.98 -1.43 -31.46
C PRO A 253 -17.31 -1.74 -29.99
N GLY A 254 -18.55 -1.47 -29.59
CA GLY A 254 -19.02 -1.79 -28.24
C GLY A 254 -20.29 -2.63 -28.21
N GLU A 255 -20.81 -2.97 -29.39
CA GLU A 255 -22.04 -3.73 -29.48
C GLU A 255 -21.78 -5.18 -29.90
N GLU A 256 -22.34 -6.13 -29.16
CA GLU A 256 -22.25 -7.55 -29.52
C GLU A 256 -20.81 -8.01 -29.63
N ILE A 257 -20.04 -7.67 -28.58
CA ILE A 257 -18.66 -8.10 -28.46
C ILE A 257 -18.67 -9.47 -27.78
N LEU A 258 -17.91 -10.39 -28.36
CA LEU A 258 -17.78 -11.77 -27.88
C LEU A 258 -16.73 -11.88 -26.78
N GLY A 259 -17.11 -12.47 -25.65
CA GLY A 259 -16.16 -12.73 -24.61
C GLY A 259 -16.64 -13.83 -23.68
N ALA A 260 -15.77 -14.17 -22.73
CA ALA A 260 -16.03 -15.25 -21.77
C ALA A 260 -16.94 -14.84 -20.61
N GLN A 261 -17.60 -15.85 -20.02
CA GLN A 261 -18.38 -15.69 -18.80
C GLN A 261 -17.96 -16.80 -17.83
N PRO A 262 -18.02 -16.54 -16.51
CA PRO A 262 -17.47 -17.48 -15.52
C PRO A 262 -18.11 -18.88 -15.59
N CYS A 263 -17.30 -19.89 -15.29
CA CYS A 263 -17.75 -21.28 -15.02
C CYS A 263 -18.26 -22.05 -16.23
N THR A 264 -18.06 -21.50 -17.42
CA THR A 264 -18.47 -22.20 -18.63
C THR A 264 -17.60 -21.86 -19.81
N GLU A 265 -17.51 -22.79 -20.76
CA GLU A 265 -16.72 -22.59 -21.95
C GLU A 265 -17.47 -21.79 -23.01
N GLU A 266 -18.78 -21.67 -22.86
CA GLU A 266 -19.61 -20.96 -23.83
C GLU A 266 -19.47 -19.43 -23.70
N PRO A 267 -19.07 -18.76 -24.79
CA PRO A 267 -18.94 -17.30 -24.74
C PRO A 267 -20.28 -16.58 -24.88
N VAL A 268 -20.27 -15.27 -24.69
CA VAL A 268 -21.50 -14.48 -24.78
C VAL A 268 -21.17 -13.10 -25.36
N ARG A 269 -22.11 -12.57 -26.14
CA ARG A 269 -21.96 -11.24 -26.71
C ARG A 269 -22.66 -10.19 -25.87
N LEU A 270 -21.92 -9.15 -25.49
CA LEU A 270 -22.44 -8.10 -24.62
C LEU A 270 -22.21 -6.75 -25.27
N THR A 271 -22.92 -5.74 -24.78
CA THR A 271 -22.95 -4.42 -25.37
C THR A 271 -22.76 -3.36 -24.27
N GLY A 272 -21.92 -2.36 -24.52
CA GLY A 272 -21.68 -1.26 -23.58
C GLY A 272 -20.36 -0.57 -23.86
N THR A 273 -20.15 0.64 -23.31
CA THR A 273 -18.88 1.34 -23.50
C THR A 273 -17.74 0.59 -22.85
N SER A 274 -18.03 -0.15 -21.77
CA SER A 274 -17.01 -0.95 -21.11
C SER A 274 -16.72 -2.26 -21.86
N MET A 275 -17.47 -2.51 -22.94
CA MET A 275 -17.16 -3.58 -23.89
C MET A 275 -16.23 -3.04 -24.98
N ALA A 276 -16.37 -1.75 -25.30
CA ALA A 276 -15.52 -1.09 -26.29
C ALA A 276 -14.13 -0.75 -25.75
N ALA A 277 -14.04 -0.34 -24.48
CA ALA A 277 -12.72 -0.01 -23.85
C ALA A 277 -11.66 -1.11 -23.95
N PRO A 278 -12.00 -2.38 -23.64
CA PRO A 278 -10.95 -3.41 -23.76
C PRO A 278 -10.44 -3.59 -25.18
N VAL A 279 -11.29 -3.36 -26.19
CA VAL A 279 -10.84 -3.42 -27.57
C VAL A 279 -9.67 -2.40 -27.76
N MET A 280 -9.84 -1.19 -27.23
CA MET A 280 -8.82 -0.13 -27.37
C MET A 280 -7.59 -0.39 -26.51
N THR A 281 -7.79 -1.01 -25.35
CA THR A 281 -6.68 -1.46 -24.55
C THR A 281 -5.84 -2.48 -25.33
N GLY A 282 -6.51 -3.42 -26.00
CA GLY A 282 -5.81 -4.43 -26.80
C GLY A 282 -5.06 -3.80 -27.98
N ILE A 283 -5.73 -2.89 -28.68
CA ILE A 283 -5.11 -2.22 -29.83
C ILE A 283 -3.88 -1.44 -29.37
N SER A 284 -4.07 -0.66 -28.30
CA SER A 284 -2.97 0.10 -27.71
C SER A 284 -1.81 -0.78 -27.33
N ALA A 285 -2.08 -1.94 -26.75
CA ALA A 285 -1.02 -2.89 -26.39
C ALA A 285 -0.30 -3.48 -27.63
N LEU A 286 -1.07 -3.79 -28.67
CA LEU A 286 -0.46 -4.21 -29.92
C LEU A 286 0.49 -3.12 -30.50
N LEU A 287 0.07 -1.86 -30.43
CA LEU A 287 0.89 -0.77 -30.98
C LEU A 287 2.16 -0.59 -30.16
N MET A 288 2.03 -0.70 -28.84
CA MET A 288 3.19 -0.73 -27.96
C MET A 288 4.07 -1.96 -28.22
N SER A 289 3.47 -3.11 -28.48
CA SER A 289 4.25 -4.31 -28.82
C SER A 289 5.14 -4.10 -30.04
N LEU A 290 4.62 -3.35 -31.00
CA LEU A 290 5.33 -3.03 -32.24
C LEU A 290 6.49 -2.06 -32.00
N GLN A 291 6.33 -1.15 -31.03
CA GLN A 291 7.41 -0.28 -30.60
C GLN A 291 8.57 -1.11 -30.07
N VAL A 292 8.27 -2.04 -29.16
CA VAL A 292 9.25 -2.99 -28.63
C VAL A 292 9.87 -3.87 -29.73
N GLN A 293 9.06 -4.33 -30.68
CA GLN A 293 9.53 -5.16 -31.79
C GLN A 293 10.58 -4.46 -32.64
N GLN A 294 10.40 -3.14 -32.82
CA GLN A 294 11.33 -2.35 -33.63
C GLN A 294 12.51 -1.83 -32.81
N GLY A 295 12.76 -2.46 -31.66
CA GLY A 295 13.86 -2.09 -30.77
C GLY A 295 13.62 -0.83 -29.95
N LYS A 296 12.61 -0.07 -30.34
CA LYS A 296 12.32 1.24 -29.76
C LYS A 296 11.71 1.20 -28.35
N PRO A 297 11.75 2.33 -27.61
CA PRO A 297 11.15 2.32 -26.29
C PRO A 297 9.62 2.48 -26.36
N VAL A 298 8.93 1.90 -25.39
CA VAL A 298 7.48 2.07 -25.26
C VAL A 298 7.19 3.54 -25.03
N ASP A 299 6.27 4.09 -25.80
CA ASP A 299 5.88 5.49 -25.64
C ASP A 299 4.36 5.58 -25.65
N ALA A 300 3.79 5.65 -24.45
CA ALA A 300 2.34 5.57 -24.23
C ALA A 300 1.60 6.77 -24.78
N GLU A 301 2.17 7.95 -24.58
CA GLU A 301 1.59 9.19 -25.09
C GLU A 301 1.62 9.23 -26.63
N ALA A 302 2.66 8.66 -27.23
CA ALA A 302 2.70 8.62 -28.71
C ALA A 302 1.56 7.74 -29.22
N VAL A 303 1.35 6.59 -28.57
CA VAL A 303 0.27 5.69 -28.97
C VAL A 303 -1.06 6.39 -28.80
N ARG A 304 -1.28 7.01 -27.65
CA ARG A 304 -2.53 7.70 -27.35
C ARG A 304 -2.82 8.81 -28.37
N THR A 305 -1.83 9.64 -28.65
CA THR A 305 -2.06 10.79 -29.53
C THR A 305 -2.23 10.34 -30.99
N ALA A 306 -1.45 9.34 -31.40
CA ALA A 306 -1.60 8.76 -32.74
C ALA A 306 -3.01 8.25 -32.99
N LEU A 307 -3.59 7.56 -31.98
CA LEU A 307 -4.95 7.08 -32.06
C LEU A 307 -5.96 8.23 -32.11
N LEU A 308 -5.78 9.23 -31.24
CA LEU A 308 -6.73 10.34 -31.23
C LEU A 308 -6.66 11.22 -32.49
N LYS A 309 -5.44 11.55 -32.92
CA LYS A 309 -5.21 12.42 -34.09
C LYS A 309 -5.73 11.83 -35.39
N THR A 310 -5.71 10.50 -35.49
CA THR A 310 -6.12 9.83 -36.73
C THR A 310 -7.55 9.30 -36.64
N CYS A 325 -19.37 10.74 -31.57
CA CYS A 325 -18.20 10.00 -32.06
C CYS A 325 -16.92 10.36 -31.28
N LEU A 326 -17.04 11.29 -30.34
CA LEU A 326 -15.89 11.82 -29.59
C LEU A 326 -14.86 12.38 -30.58
N ARG A 327 -13.61 11.93 -30.51
CA ARG A 327 -12.63 12.34 -31.52
C ARG A 327 -12.82 11.59 -32.86
N GLY A 328 -13.65 10.55 -32.83
CA GLY A 328 -13.92 9.73 -34.02
C GLY A 328 -13.78 8.25 -33.76
N PHE A 329 -13.93 7.46 -34.82
CA PHE A 329 -13.81 6.00 -34.74
C PHE A 329 -12.36 5.58 -34.92
N VAL A 330 -11.93 4.55 -34.18
CA VAL A 330 -10.56 4.06 -34.22
C VAL A 330 -10.08 3.85 -35.66
N ASN A 331 -8.86 4.31 -35.93
CA ASN A 331 -8.26 4.25 -37.26
C ASN A 331 -6.87 3.67 -37.16
N ILE A 332 -6.80 2.35 -37.03
CA ILE A 332 -5.53 1.64 -36.98
C ILE A 332 -4.58 2.01 -38.14
N PRO A 333 -5.06 1.96 -39.40
CA PRO A 333 -4.10 2.30 -40.48
C PRO A 333 -3.49 3.70 -40.34
N GLY A 334 -4.32 4.71 -40.06
CA GLY A 334 -3.81 6.06 -39.82
C GLY A 334 -2.84 6.16 -38.66
N ALA A 335 -3.14 5.45 -37.56
CA ALA A 335 -2.30 5.47 -36.36
C ALA A 335 -0.96 4.76 -36.60
N MET A 336 -0.99 3.71 -37.42
CA MET A 336 0.23 3.00 -37.81
C MET A 336 1.14 3.91 -38.62
N LYS A 337 0.54 4.62 -39.58
CA LYS A 337 1.30 5.57 -40.38
C LYS A 337 1.98 6.62 -39.48
N VAL A 338 1.25 7.13 -38.49
CA VAL A 338 1.82 8.13 -37.57
C VAL A 338 2.96 7.54 -36.75
N LEU A 339 2.78 6.32 -36.24
CA LEU A 339 3.73 5.73 -35.32
C LEU A 339 4.97 5.17 -35.99
N PHE A 340 4.78 4.56 -37.16
CA PHE A 340 5.85 3.80 -37.80
C PHE A 340 6.09 4.17 -39.27
N GLY A 341 5.26 5.05 -39.81
CA GLY A 341 5.37 5.45 -41.23
C GLY A 341 5.75 6.91 -41.36
N GLN A 342 5.22 7.56 -42.39
CA GLN A 342 5.49 8.97 -42.67
C GLN A 342 4.16 9.69 -42.74
N PRO A 343 3.65 10.17 -41.59
CA PRO A 343 2.30 10.74 -41.62
C PRO A 343 2.27 12.06 -42.37
N SER A 344 1.11 12.37 -42.93
CA SER A 344 0.86 13.67 -43.52
C SER A 344 0.85 14.71 -42.42
N VAL A 345 1.43 15.88 -42.72
CA VAL A 345 1.39 17.04 -41.84
C VAL A 345 -0.05 17.42 -41.42
N THR A 346 -1.01 17.12 -42.29
CA THR A 346 -2.42 17.50 -42.07
C THR A 346 -3.02 16.83 -40.81
N VAL A 347 -2.49 15.67 -40.45
CA VAL A 347 -2.85 15.02 -39.18
C VAL A 347 -2.49 15.91 -37.97
N SER A 348 -1.47 16.75 -38.10
CA SER A 348 -1.10 17.67 -37.02
C SER A 348 -2.01 18.90 -37.04
N ALA B 7 24.32 -9.63 34.76
CA ALA B 7 24.11 -8.82 33.52
C ALA B 7 25.15 -9.16 32.44
N LEU B 8 24.81 -10.13 31.60
CA LEU B 8 25.71 -10.61 30.56
C LEU B 8 25.85 -9.63 29.38
N HIS B 9 24.88 -8.72 29.24
CA HIS B 9 24.93 -7.70 28.19
C HIS B 9 24.46 -6.39 28.79
N PRO B 10 25.36 -5.66 29.46
CA PRO B 10 24.87 -4.50 30.23
C PRO B 10 24.28 -3.44 29.30
N HIS B 11 23.12 -2.91 29.68
CA HIS B 11 22.40 -1.95 28.84
C HIS B 11 22.25 -0.69 29.66
N ASP B 12 22.35 0.46 29.00
CA ASP B 12 22.17 1.76 29.63
C ASP B 12 20.95 1.90 30.54
N LEU B 13 19.90 1.16 30.22
CA LEU B 13 18.62 1.27 30.91
C LEU B 13 18.37 0.17 31.95
N ASP B 14 19.34 -0.71 32.16
CA ASP B 14 19.23 -1.79 33.16
C ASP B 14 18.82 -1.29 34.55
N GLU B 15 19.37 -0.16 34.97
CA GLU B 15 19.09 0.41 36.28
C GLU B 15 17.68 1.01 36.35
N ARG B 16 17.21 1.57 35.24
CA ARG B 16 15.91 2.22 35.23
C ARG B 16 14.78 1.24 34.99
N ILE B 17 15.11 0.05 34.49
CA ILE B 17 14.11 -0.93 34.11
C ILE B 17 14.47 -2.28 34.79
N PRO B 18 13.93 -2.52 35.98
CA PRO B 18 14.12 -3.81 36.65
C PRO B 18 13.76 -4.99 35.74
N GLY B 19 14.65 -5.98 35.69
CA GLY B 19 14.38 -7.19 34.90
C GLY B 19 14.87 -7.13 33.47
N LEU B 20 15.33 -5.96 33.02
CA LEU B 20 15.90 -5.84 31.68
C LEU B 20 17.18 -6.65 31.51
N ALA B 21 18.12 -6.51 32.45
CA ALA B 21 19.36 -7.31 32.40
C ALA B 21 19.07 -8.82 32.35
N ASP B 22 18.16 -9.28 33.20
CA ASP B 22 17.76 -10.71 33.21
C ASP B 22 17.14 -11.15 31.89
N LEU B 23 16.30 -10.29 31.30
CA LEU B 23 15.65 -10.63 30.06
C LEU B 23 16.69 -10.77 28.96
N HIS B 24 17.62 -9.81 28.92
CA HIS B 24 18.77 -9.82 28.00
C HIS B 24 19.66 -11.04 28.22
N ASN B 25 19.76 -11.49 29.46
CA ASN B 25 20.50 -12.71 29.76
C ASN B 25 19.87 -13.91 29.07
N GLN B 26 18.57 -13.82 28.82
CA GLN B 26 17.86 -14.91 28.21
C GLN B 26 17.74 -14.73 26.70
N THR B 27 17.61 -13.47 26.24
CA THR B 27 17.55 -13.22 24.80
C THR B 27 17.94 -11.78 24.39
N LEU B 28 18.52 -11.68 23.20
CA LEU B 28 18.75 -10.37 22.57
C LEU B 28 17.81 -10.19 21.38
N GLY B 29 16.85 -11.10 21.25
CA GLY B 29 15.89 -11.10 20.16
C GLY B 29 16.06 -12.29 19.24
N ASP B 30 15.04 -12.54 18.44
CA ASP B 30 15.04 -13.61 17.46
C ASP B 30 14.72 -12.98 16.11
N PRO B 31 15.44 -13.39 15.04
CA PRO B 31 15.23 -12.91 13.68
C PRO B 31 13.86 -13.27 13.10
N GLN B 32 13.13 -14.18 13.75
CA GLN B 32 11.76 -14.49 13.34
C GLN B 32 10.77 -13.42 13.82
N ILE B 33 11.22 -12.51 14.65
CA ILE B 33 10.38 -11.38 15.09
C ILE B 33 10.68 -10.17 14.21
N THR B 34 9.68 -9.74 13.45
CA THR B 34 9.82 -8.59 12.56
C THR B 34 9.17 -7.32 13.12
N ILE B 35 9.97 -6.26 13.29
CA ILE B 35 9.46 -4.97 13.70
C ILE B 35 9.47 -4.02 12.49
N VAL B 36 8.30 -3.48 12.15
CA VAL B 36 8.23 -2.47 11.09
C VAL B 36 8.09 -1.10 11.74
N ILE B 37 9.05 -0.21 11.44
CA ILE B 37 9.10 1.14 12.02
C ILE B 37 8.62 2.16 10.99
N ILE B 38 7.46 2.76 11.26
CA ILE B 38 6.89 3.79 10.42
C ILE B 38 7.39 5.10 11.04
N ASP B 39 8.33 5.75 10.35
CA ASP B 39 9.02 6.95 10.86
C ASP B 39 9.69 7.61 9.67
N GLY B 40 10.71 8.43 9.90
CA GLY B 40 11.50 8.97 8.80
C GLY B 40 12.53 8.00 8.27
N ASP B 41 13.51 8.53 7.56
CA ASP B 41 14.53 7.74 6.90
C ASP B 41 15.81 7.73 7.74
N PRO B 42 16.15 6.56 8.31
CA PRO B 42 17.31 6.46 9.20
C PRO B 42 18.60 6.32 8.40
N ASP B 43 19.72 6.60 9.06
CA ASP B 43 21.05 6.60 8.47
C ASP B 43 21.71 5.25 8.74
N TYR B 44 21.65 4.38 7.74
CA TYR B 44 22.19 3.03 7.86
C TYR B 44 23.73 2.95 7.81
N THR B 45 24.39 4.10 7.64
CA THR B 45 25.87 4.14 7.67
C THR B 45 26.42 4.18 9.11
N LEU B 46 25.56 4.53 10.07
CA LEU B 46 25.94 4.53 11.49
C LEU B 46 26.35 3.13 11.94
N SER B 47 27.42 3.03 12.72
CA SER B 47 27.94 1.71 13.09
C SER B 47 27.01 0.93 14.02
N CYS B 48 26.13 1.63 14.75
CA CYS B 48 25.13 0.92 15.57
C CYS B 48 24.27 -0.05 14.75
N PHE B 49 24.14 0.20 13.44
CA PHE B 49 23.40 -0.72 12.57
C PHE B 49 24.25 -1.78 11.85
N GLU B 50 25.56 -1.73 12.08
CA GLU B 50 26.48 -2.67 11.42
C GLU B 50 26.29 -4.07 11.99
N GLY B 51 25.82 -4.99 11.15
CA GLY B 51 25.49 -6.33 11.62
C GLY B 51 24.03 -6.48 12.06
N ALA B 52 23.28 -5.37 12.17
CA ALA B 52 21.85 -5.46 12.47
C ALA B 52 21.06 -5.94 11.26
N GLU B 53 20.00 -6.70 11.51
CA GLU B 53 19.13 -7.16 10.44
C GLU B 53 18.11 -6.07 10.04
N VAL B 54 18.61 -5.00 9.40
CA VAL B 54 17.77 -3.86 9.01
C VAL B 54 17.62 -3.75 7.50
N SER B 55 16.46 -3.29 7.04
CA SER B 55 16.27 -3.00 5.62
C SER B 55 15.21 -1.93 5.52
N LYS B 56 15.24 -1.17 4.43
CA LYS B 56 14.25 -0.12 4.23
C LYS B 56 13.26 -0.55 3.19
N VAL B 57 11.98 -0.37 3.48
CA VAL B 57 10.97 -0.48 2.43
C VAL B 57 10.29 0.87 2.31
N PHE B 58 10.50 1.55 1.18
CA PHE B 58 9.88 2.86 0.96
C PHE B 58 8.49 2.63 0.42
N PRO B 59 7.47 3.30 0.99
CA PRO B 59 6.11 3.16 0.46
C PRO B 59 6.10 3.49 -1.02
N TYR B 60 5.56 2.58 -1.83
CA TYR B 60 5.64 2.70 -3.30
C TYR B 60 4.77 3.84 -3.83
N TRP B 61 3.83 4.31 -3.03
CA TRP B 61 2.96 5.42 -3.45
C TRP B 61 3.56 6.83 -3.17
N HIS B 62 4.74 6.86 -2.58
CA HIS B 62 5.45 8.14 -2.36
C HIS B 62 6.42 8.48 -3.45
N GLU B 63 6.44 9.75 -3.81
CA GLU B 63 7.53 10.31 -4.61
C GLU B 63 8.79 10.40 -3.74
N PRO B 64 9.92 9.85 -4.23
CA PRO B 64 11.17 9.93 -3.46
C PRO B 64 11.58 11.38 -3.17
N ALA B 65 11.97 11.67 -1.95
CA ALA B 65 12.42 13.02 -1.63
C ALA B 65 13.93 13.10 -1.85
N GLU B 66 14.43 14.29 -2.19
CA GLU B 66 15.87 14.47 -2.42
C GLU B 66 16.69 14.30 -1.13
N PRO B 67 17.85 13.63 -1.21
CA PRO B 67 18.71 13.45 -0.04
C PRO B 67 19.08 14.78 0.61
N ILE B 68 19.19 14.78 1.94
CA ILE B 68 19.56 15.98 2.69
C ILE B 68 21.06 15.93 2.93
N THR B 69 21.73 17.08 2.83
CA THR B 69 23.19 17.14 3.00
C THR B 69 23.59 16.95 4.46
N PRO B 70 24.74 16.30 4.71
CA PRO B 70 25.33 16.24 6.05
C PRO B 70 25.38 17.62 6.69
N GLU B 71 25.58 18.66 5.88
CA GLU B 71 25.65 20.04 6.37
C GLU B 71 24.36 20.49 7.04
N ASP B 72 23.22 20.19 6.43
CA ASP B 72 21.91 20.55 7.00
C ASP B 72 21.69 19.80 8.32
N TYR B 73 22.05 18.52 8.33
CA TYR B 73 21.94 17.71 9.56
C TYR B 73 22.84 18.27 10.68
N ALA B 74 24.07 18.69 10.31
CA ALA B 74 24.98 19.34 11.28
C ALA B 74 24.41 20.61 11.86
N ALA B 75 23.71 21.40 11.02
CA ALA B 75 23.13 22.67 11.46
C ALA B 75 21.97 22.48 12.45
N PHE B 76 21.17 21.46 12.19
CA PHE B 76 20.10 21.05 13.11
C PHE B 76 20.72 20.60 14.43
N GLN B 77 21.75 19.77 14.35
CA GLN B 77 22.36 19.22 15.57
C GLN B 77 23.08 20.28 16.38
N SER B 78 23.60 21.31 15.71
CA SER B 78 24.23 22.44 16.40
C SER B 78 23.20 23.25 17.18
N ILE B 79 22.04 23.47 16.58
CA ILE B 79 20.92 24.12 17.25
C ILE B 79 20.47 23.30 18.47
N ARG B 80 20.32 21.98 18.29
CA ARG B 80 19.96 21.12 19.42
C ARG B 80 21.04 21.16 20.51
N ASP B 81 22.30 20.94 20.13
CA ASP B 81 23.39 20.97 21.12
C ASP B 81 23.50 22.27 21.93
N GLN B 82 23.06 23.38 21.34
CA GLN B 82 23.01 24.66 22.02
C GLN B 82 21.87 24.78 23.01
N GLY B 83 20.94 23.84 22.96
CA GLY B 83 19.87 23.77 23.94
C GLY B 83 18.76 24.78 23.73
N LEU B 84 18.62 25.26 22.50
CA LEU B 84 17.51 26.15 22.15
C LEU B 84 16.18 25.39 22.22
N LYS B 85 15.12 26.10 22.60
CA LYS B 85 13.80 25.49 22.78
C LYS B 85 12.70 26.37 22.23
N GLY B 86 11.53 25.76 21.99
CA GLY B 86 10.33 26.47 21.58
C GLY B 86 10.44 27.44 20.42
N LYS B 87 10.04 28.68 20.69
CA LYS B 87 10.06 29.77 19.72
C LYS B 87 11.47 30.07 19.20
N GLU B 88 12.47 30.02 20.08
CA GLU B 88 13.87 30.31 19.72
C GLU B 88 14.48 29.24 18.80
N LYS B 89 14.27 27.97 19.15
CA LYS B 89 14.70 26.85 18.30
C LYS B 89 14.10 26.95 16.89
N GLU B 90 12.80 27.26 16.83
CA GLU B 90 12.07 27.40 15.56
C GLU B 90 12.67 28.47 14.66
N GLU B 91 12.95 29.63 15.26
CA GLU B 91 13.49 30.76 14.51
C GLU B 91 14.90 30.48 14.04
N ALA B 92 15.69 29.81 14.88
CA ALA B 92 17.05 29.42 14.55
C ALA B 92 17.07 28.45 13.36
N LEU B 93 16.20 27.44 13.41
CA LEU B 93 16.09 26.47 12.33
C LEU B 93 15.61 27.12 11.04
N GLU B 94 14.66 28.05 11.17
CA GLU B 94 14.13 28.77 10.02
C GLU B 94 15.21 29.68 9.40
N ALA B 95 16.08 30.24 10.23
CA ALA B 95 17.20 31.06 9.75
C ALA B 95 18.19 30.28 8.87
N VAL B 96 18.49 29.05 9.26
CA VAL B 96 19.59 28.31 8.64
C VAL B 96 19.17 27.18 7.69
N ILE B 97 18.10 26.45 8.03
CA ILE B 97 17.64 25.32 7.19
C ILE B 97 16.13 25.33 6.95
N PRO B 98 15.59 26.44 6.39
CA PRO B 98 14.13 26.55 6.21
C PRO B 98 13.55 25.42 5.34
N ASP B 99 14.29 25.00 4.31
CA ASP B 99 13.80 24.03 3.33
C ASP B 99 13.83 22.56 3.79
N THR B 100 14.57 22.27 4.84
CA THR B 100 14.82 20.87 5.17
C THR B 100 14.56 20.55 6.62
N LYS B 101 14.26 21.57 7.42
CA LYS B 101 14.15 21.39 8.86
C LYS B 101 13.09 20.33 9.25
N ASP B 102 11.92 20.37 8.60
CA ASP B 102 10.83 19.44 8.89
C ASP B 102 11.22 17.99 8.57
N ARG B 103 11.84 17.78 7.41
CA ARG B 103 12.28 16.44 7.03
C ARG B 103 13.37 15.93 7.97
N ILE B 104 14.23 16.85 8.41
CA ILE B 104 15.33 16.49 9.31
C ILE B 104 14.80 16.04 10.66
N VAL B 105 13.82 16.75 11.23
CA VAL B 105 13.16 16.32 12.46
C VAL B 105 12.77 14.84 12.34
N LEU B 106 12.11 14.50 11.23
CA LEU B 106 11.54 13.17 11.02
C LEU B 106 12.61 12.11 10.85
N ASN B 107 13.66 12.45 10.09
CA ASN B 107 14.75 11.50 9.82
C ASN B 107 15.65 11.31 11.01
N ASP B 108 15.92 12.41 11.70
CA ASP B 108 16.67 12.37 12.94
C ASP B 108 15.97 11.44 13.93
N HIS B 109 14.66 11.65 14.07
CA HIS B 109 13.82 10.80 14.93
C HIS B 109 13.92 9.30 14.56
N ALA B 110 13.85 8.98 13.27
CA ALA B 110 14.04 7.61 12.80
C ALA B 110 15.37 6.97 13.21
N CYS B 111 16.48 7.73 13.10
CA CYS B 111 17.80 7.22 13.57
C CYS B 111 17.76 6.84 15.03
N HIS B 112 17.28 7.77 15.84
CA HIS B 112 17.18 7.58 17.27
C HIS B 112 16.31 6.38 17.65
N VAL B 113 15.06 6.35 17.15
CA VAL B 113 14.10 5.26 17.39
C VAL B 113 14.65 3.90 16.96
N THR B 114 15.21 3.83 15.75
CA THR B 114 15.75 2.57 15.22
C THR B 114 16.95 2.08 16.05
N SER B 115 17.81 3.01 16.46
CA SER B 115 18.98 2.63 17.26
C SER B 115 18.56 2.15 18.65
N THR B 116 17.57 2.80 19.25
CA THR B 116 17.01 2.38 20.54
C THR B 116 16.45 0.95 20.48
N ILE B 117 15.89 0.58 19.32
CA ILE B 117 15.31 -0.74 19.14
C ILE B 117 16.38 -1.79 18.82
N VAL B 118 17.27 -1.48 17.88
CA VAL B 118 18.06 -2.54 17.24
C VAL B 118 19.57 -2.32 17.18
N GLY B 119 20.05 -1.28 17.85
CA GLY B 119 21.46 -0.95 17.82
C GLY B 119 22.28 -2.08 18.40
N GLN B 120 23.43 -2.35 17.78
CA GLN B 120 24.22 -3.53 18.14
C GLN B 120 25.01 -3.27 19.39
N GLU B 121 25.17 -4.31 20.20
CA GLU B 121 25.98 -4.22 21.40
C GLU B 121 27.42 -3.86 21.02
N HIS B 122 28.05 -3.06 21.87
CA HIS B 122 29.43 -2.61 21.70
C HIS B 122 29.60 -1.55 20.60
N SER B 123 28.48 -1.05 20.08
CA SER B 123 28.49 0.10 19.19
C SER B 123 28.16 1.32 20.05
N PRO B 124 28.13 2.54 19.49
CA PRO B 124 27.74 3.64 20.37
C PRO B 124 26.29 3.54 20.90
N VAL B 125 25.44 2.76 20.23
CA VAL B 125 24.04 2.61 20.72
C VAL B 125 23.60 1.17 20.78
N PHE B 126 23.50 0.63 21.99
CA PHE B 126 23.07 -0.73 22.19
C PHE B 126 21.57 -0.68 22.43
N GLY B 127 20.81 -1.26 21.50
CA GLY B 127 19.36 -1.25 21.55
C GLY B 127 18.83 -2.39 22.42
N ILE B 128 17.51 -2.38 22.62
CA ILE B 128 16.85 -3.39 23.46
C ILE B 128 16.83 -4.77 22.81
N ALA B 129 16.66 -4.80 21.49
CA ALA B 129 16.44 -6.05 20.81
C ALA B 129 17.31 -6.17 19.55
N PRO B 130 18.66 -6.17 19.73
CA PRO B 130 19.60 -6.16 18.58
C PRO B 130 19.50 -7.30 17.55
N ASN B 131 18.87 -8.42 17.92
CA ASN B 131 18.84 -9.58 17.04
C ASN B 131 17.49 -9.76 16.36
N CYS B 132 16.57 -8.82 16.57
CA CYS B 132 15.31 -8.90 15.84
C CYS B 132 15.48 -8.37 14.41
N ARG B 133 14.56 -8.75 13.54
CA ARG B 133 14.53 -8.22 12.18
C ARG B 133 13.72 -6.91 12.18
N VAL B 134 14.33 -5.88 11.61
CA VAL B 134 13.74 -4.54 11.59
C VAL B 134 13.62 -4.07 10.15
N ILE B 135 12.41 -3.63 9.79
CA ILE B 135 12.17 -2.98 8.53
C ILE B 135 11.73 -1.56 8.79
N ASN B 136 12.53 -0.60 8.34
CA ASN B 136 12.14 0.79 8.34
C ASN B 136 11.25 1.06 7.14
N MET B 137 10.15 1.75 7.39
CA MET B 137 9.32 2.20 6.32
C MET B 137 9.30 3.73 6.34
N PRO B 138 10.29 4.36 5.67
CA PRO B 138 10.39 5.83 5.80
C PRO B 138 9.20 6.60 5.21
N GLN B 139 8.82 7.69 5.88
CA GLN B 139 7.70 8.53 5.45
C GLN B 139 8.17 9.92 4.99
N ASP B 140 9.48 10.05 4.83
CA ASP B 140 10.15 11.34 4.60
C ASP B 140 9.55 12.08 3.41
N ALA B 141 9.49 11.38 2.27
CA ALA B 141 8.90 11.90 1.04
C ALA B 141 7.65 12.74 1.24
N PRO B 153 -3.85 10.75 8.23
CA PRO B 153 -4.43 9.51 8.73
C PRO B 153 -4.49 8.43 7.63
N LEU B 154 -4.83 8.84 6.40
CA LEU B 154 -4.81 7.97 5.24
C LEU B 154 -3.44 7.37 4.97
N ASN B 155 -2.41 8.24 4.96
CA ASN B 155 -1.04 7.79 4.71
C ASN B 155 -0.59 6.76 5.74
N LEU B 156 -0.89 7.01 7.02
CA LEU B 156 -0.53 6.06 8.06
C LEU B 156 -1.29 4.74 7.88
N ALA B 157 -2.57 4.82 7.51
CA ALA B 157 -3.36 3.61 7.23
C ALA B 157 -2.74 2.79 6.11
N ARG B 158 -2.41 3.45 5.01
CA ARG B 158 -1.75 2.78 3.88
C ARG B 158 -0.41 2.15 4.29
N ALA B 159 0.34 2.85 5.14
CA ALA B 159 1.59 2.32 5.66
C ALA B 159 1.36 1.09 6.55
N ILE B 160 0.33 1.12 7.38
CA ILE B 160 0.04 -0.04 8.23
C ILE B 160 -0.36 -1.26 7.39
N ASP B 161 -1.20 -1.04 6.38
CA ASP B 161 -1.59 -2.12 5.47
C ASP B 161 -0.39 -2.74 4.80
N LEU B 162 0.53 -1.89 4.31
CA LEU B 162 1.81 -2.40 3.76
C LEU B 162 2.67 -3.17 4.78
N ALA B 163 2.82 -2.64 5.99
CA ALA B 163 3.57 -3.30 7.06
C ALA B 163 3.05 -4.72 7.36
N LEU B 164 1.74 -4.88 7.40
CA LEU B 164 1.11 -6.18 7.57
C LEU B 164 1.48 -7.14 6.44
N GLU B 165 1.50 -6.60 5.21
CA GLU B 165 1.89 -7.35 4.04
C GLU B 165 3.27 -7.86 4.16
N LEU B 166 4.13 -7.05 4.77
CA LEU B 166 5.53 -7.37 4.92
C LEU B 166 5.81 -8.45 6.00
N GLY B 167 4.80 -8.83 6.77
CA GLY B 167 5.01 -9.81 7.85
C GLY B 167 5.40 -9.23 9.22
N ALA B 168 5.01 -7.99 9.50
CA ALA B 168 5.23 -7.39 10.83
C ALA B 168 4.64 -8.26 11.95
N ASN B 169 5.41 -8.46 13.02
CA ASN B 169 4.85 -8.92 14.30
C ASN B 169 4.50 -7.73 15.20
N ILE B 170 5.31 -6.66 15.08
CA ILE B 170 5.06 -5.39 15.78
C ILE B 170 5.14 -4.27 14.75
N ILE B 171 4.19 -3.33 14.79
CA ILE B 171 4.31 -2.11 13.98
C ILE B 171 4.51 -0.94 14.92
N HIS B 172 5.66 -0.28 14.80
CA HIS B 172 5.98 0.87 15.63
C HIS B 172 5.57 2.14 14.88
N CYS B 173 4.54 2.83 15.37
CA CYS B 173 4.09 4.07 14.73
C CYS B 173 4.76 5.18 15.48
N ALA B 174 5.91 5.61 14.96
CA ALA B 174 6.90 6.31 15.78
C ALA B 174 6.46 7.68 16.21
N PHE B 175 5.65 8.34 15.37
CA PHE B 175 5.24 9.73 15.59
C PHE B 175 3.79 9.88 16.05
N CYS B 176 3.53 10.93 16.83
CA CYS B 176 2.16 11.23 17.18
C CYS B 176 1.49 12.02 16.06
N ARG B 177 0.31 11.57 15.63
CA ARG B 177 -0.56 12.41 14.80
C ARG B 177 -1.73 12.87 15.69
N PRO B 178 -1.85 14.19 15.91
CA PRO B 178 -2.87 14.77 16.81
C PRO B 178 -4.31 14.49 16.34
N GLU B 186 -11.28 7.17 10.16
CA GLU B 186 -12.05 5.94 9.97
C GLU B 186 -11.22 4.87 9.26
N ILE B 187 -10.48 5.28 8.23
CA ILE B 187 -9.59 4.36 7.53
C ILE B 187 -8.47 3.84 8.45
N LEU B 188 -7.93 4.74 9.28
CA LEU B 188 -6.89 4.39 10.25
C LEU B 188 -7.40 3.47 11.36
N VAL B 189 -8.59 3.79 11.87
CA VAL B 189 -9.28 2.97 12.88
C VAL B 189 -9.35 1.52 12.39
N GLN B 190 -9.86 1.34 11.17
CA GLN B 190 -10.03 0.02 10.57
C GLN B 190 -8.69 -0.71 10.40
N ALA B 191 -7.66 0.00 9.94
CA ALA B 191 -6.33 -0.59 9.75
C ALA B 191 -5.74 -1.06 11.08
N ILE B 192 -5.92 -0.25 12.12
CA ILE B 192 -5.46 -0.60 13.45
C ILE B 192 -6.22 -1.83 13.98
N LYS B 193 -7.54 -1.85 13.79
CA LYS B 193 -8.32 -3.03 14.25
C LYS B 193 -7.86 -4.31 13.54
N LYS B 194 -7.54 -4.21 12.26
CA LYS B 194 -7.04 -5.35 11.48
C LYS B 194 -5.73 -5.94 12.05
N CYS B 195 -4.83 -5.08 12.54
CA CYS B 195 -3.61 -5.58 13.19
C CYS B 195 -3.93 -6.45 14.39
N GLN B 196 -4.75 -5.93 15.29
CA GLN B 196 -5.19 -6.64 16.49
C GLN B 196 -5.88 -7.96 16.13
N ASP B 197 -6.78 -7.92 15.15
CA ASP B 197 -7.46 -9.12 14.67
C ASP B 197 -6.53 -10.12 13.98
N ASN B 198 -5.35 -9.65 13.57
CA ASN B 198 -4.37 -10.52 12.92
C ASN B 198 -3.10 -10.76 13.73
N ASN B 199 -3.18 -10.64 15.06
CA ASN B 199 -2.07 -11.00 15.94
C ASN B 199 -0.83 -10.10 15.77
N VAL B 200 -1.05 -8.83 15.43
CA VAL B 200 0.06 -7.89 15.23
C VAL B 200 -0.04 -6.75 16.25
N LEU B 201 1.02 -6.57 17.04
CA LEU B 201 1.06 -5.48 18.03
C LEU B 201 1.34 -4.10 17.43
N ILE B 202 0.54 -3.10 17.79
CA ILE B 202 0.84 -1.70 17.45
C ILE B 202 1.38 -0.97 18.68
N VAL B 203 2.51 -0.27 18.55
CA VAL B 203 3.03 0.51 19.66
C VAL B 203 3.14 1.97 19.21
N SER B 204 2.74 2.90 20.06
CA SER B 204 2.89 4.32 19.71
C SER B 204 2.94 5.21 20.96
N PRO B 205 3.57 6.40 20.84
CA PRO B 205 3.68 7.29 21.99
C PRO B 205 2.34 7.97 22.29
N THR B 206 2.10 8.33 23.54
CA THR B 206 0.86 9.05 23.86
C THR B 206 0.93 10.51 23.36
N GLY B 207 2.14 11.03 23.16
CA GLY B 207 2.31 12.44 22.71
C GLY B 207 2.77 13.36 23.82
N ASN B 208 3.36 14.49 23.44
CA ASN B 208 3.93 15.40 24.42
C ASN B 208 3.15 16.70 24.57
N ASN B 209 1.83 16.63 24.50
CA ASN B 209 0.99 17.83 24.44
C ASN B 209 0.42 18.32 25.78
N SER B 210 0.88 17.75 26.89
CA SER B 210 0.30 18.06 28.21
C SER B 210 -1.20 17.95 28.19
N ASN B 211 -1.72 16.99 27.41
CA ASN B 211 -3.18 16.80 27.26
C ASN B 211 -3.95 17.89 26.52
N GLU B 212 -3.26 18.79 25.83
CA GLU B 212 -3.94 19.80 25.00
C GLU B 212 -4.49 19.17 23.72
N SER B 213 -3.93 18.02 23.37
CA SER B 213 -4.50 17.16 22.33
C SER B 213 -4.07 15.72 22.64
N TRP B 214 -4.71 14.75 22.00
CA TRP B 214 -4.25 13.37 22.10
C TRP B 214 -3.74 12.92 20.73
N CYS B 215 -3.29 11.67 20.65
CA CYS B 215 -2.65 11.15 19.45
C CYS B 215 -3.27 9.84 18.95
N LEU B 216 -3.28 9.73 17.63
CA LEU B 216 -3.56 8.50 16.90
C LEU B 216 -2.23 7.91 16.47
N PRO B 217 -2.07 6.58 16.58
CA PRO B 217 -3.05 5.57 17.03
C PRO B 217 -3.14 5.27 18.54
N ALA B 218 -2.42 6.04 19.36
CA ALA B 218 -2.44 5.81 20.83
C ALA B 218 -3.84 5.61 21.41
N VAL B 219 -4.78 6.49 21.08
CA VAL B 219 -6.11 6.41 21.70
C VAL B 219 -7.05 5.39 21.06
N LEU B 220 -6.56 4.68 20.04
CA LEU B 220 -7.36 3.66 19.38
C LEU B 220 -7.25 2.30 20.08
N PRO B 221 -8.39 1.61 20.22
CA PRO B 221 -8.56 0.36 21.00
C PRO B 221 -7.47 -0.70 20.93
N GLY B 222 -6.90 -0.98 19.76
CA GLY B 222 -5.90 -2.06 19.70
C GLY B 222 -4.53 -1.78 20.34
N THR B 223 -4.13 -0.52 20.28
CA THR B 223 -2.74 -0.10 20.34
C THR B 223 -2.14 0.03 21.75
N LEU B 224 -0.91 -0.46 21.94
CA LEU B 224 -0.18 -0.21 23.17
C LEU B 224 0.37 1.23 23.15
N ALA B 225 -0.24 2.09 23.97
CA ALA B 225 0.21 3.47 24.08
C ALA B 225 1.31 3.55 25.11
N VAL B 226 2.27 4.45 24.88
CA VAL B 226 3.41 4.56 25.76
C VAL B 226 3.67 6.00 26.21
N GLY B 227 3.67 6.19 27.53
CA GLY B 227 3.97 7.48 28.18
C GLY B 227 5.42 7.57 28.62
N ALA B 228 5.88 8.79 28.93
CA ALA B 228 7.29 9.03 29.26
C ALA B 228 7.53 9.21 30.75
N ALA B 229 8.42 8.35 31.29
CA ALA B 229 8.95 8.49 32.66
C ALA B 229 10.26 9.25 32.69
N LYS B 230 10.37 10.15 33.67
CA LYS B 230 11.64 10.76 34.07
C LYS B 230 12.62 9.71 34.55
N VAL B 231 13.88 10.10 34.68
CA VAL B 231 14.93 9.22 35.23
C VAL B 231 14.51 8.55 36.55
N ASP B 232 13.81 9.28 37.43
CA ASP B 232 13.34 8.72 38.72
C ASP B 232 12.06 7.88 38.63
N GLY B 233 11.48 7.72 37.44
CA GLY B 233 10.33 6.84 37.28
C GLY B 233 8.97 7.51 37.34
N THR B 234 8.93 8.77 37.74
CA THR B 234 7.68 9.53 37.76
C THR B 234 7.40 10.05 36.34
N PRO B 235 6.12 10.35 36.04
CA PRO B 235 5.81 10.73 34.66
C PRO B 235 6.33 12.12 34.29
N CYS B 236 6.77 12.24 33.05
CA CYS B 236 7.12 13.55 32.51
C CYS B 236 5.89 14.43 32.48
N HIS B 237 6.06 15.71 32.82
CA HIS B 237 4.99 16.70 32.83
C HIS B 237 4.22 16.81 31.51
N PHE B 238 4.92 16.64 30.39
CA PHE B 238 4.30 16.78 29.06
C PHE B 238 3.54 15.53 28.59
N SER B 239 3.72 14.40 29.30
CA SER B 239 3.24 13.09 28.80
C SER B 239 1.72 13.00 28.78
N ASN B 240 1.14 12.81 27.60
CA ASN B 240 -0.33 12.71 27.47
C ASN B 240 -0.85 11.49 28.26
N TRP B 241 -2.05 11.58 28.81
CA TRP B 241 -2.62 10.57 29.68
C TRP B 241 -4.14 10.70 29.63
N GLY B 242 -4.85 9.74 30.23
CA GLY B 242 -6.32 9.78 30.31
C GLY B 242 -6.96 9.00 29.18
N GLY B 243 -8.24 8.69 29.34
CA GLY B 243 -9.00 7.95 28.33
C GLY B 243 -8.30 6.64 27.99
N ASN B 244 -8.30 6.30 26.71
CA ASN B 244 -7.61 5.10 26.23
C ASN B 244 -6.09 5.10 26.49
N ASN B 245 -5.47 6.29 26.55
CA ASN B 245 -4.05 6.35 26.94
C ASN B 245 -3.82 5.66 28.27
N THR B 246 -4.71 5.91 29.24
CA THR B 246 -4.51 5.38 30.59
C THR B 246 -4.95 3.91 30.67
N LYS B 247 -6.05 3.56 29.97
CA LYS B 247 -6.61 2.21 30.05
C LYS B 247 -5.73 1.18 29.33
N GLU B 248 -5.07 1.63 28.28
CA GLU B 248 -4.32 0.74 27.40
C GLU B 248 -2.89 1.22 27.19
N GLY B 249 -2.33 1.86 28.20
CA GLY B 249 -1.05 2.51 28.09
C GLY B 249 -0.15 2.11 29.23
N ILE B 250 1.12 2.32 29.01
CA ILE B 250 2.15 1.94 29.94
C ILE B 250 3.20 3.03 29.98
N LEU B 251 3.79 3.23 31.17
CA LEU B 251 4.85 4.22 31.35
C LEU B 251 6.20 3.54 31.26
N ALA B 252 7.12 4.15 30.50
CA ALA B 252 8.47 3.64 30.31
C ALA B 252 9.45 4.82 30.27
N PRO B 253 10.74 4.55 30.55
CA PRO B 253 11.74 5.61 30.54
C PRO B 253 11.69 6.42 29.24
N GLY B 254 11.43 7.72 29.37
CA GLY B 254 11.35 8.61 28.20
C GLY B 254 12.23 9.83 28.30
N GLU B 255 12.88 10.01 29.43
CA GLU B 255 13.80 11.13 29.62
C GLU B 255 15.27 10.70 29.47
N GLU B 256 16.03 11.47 28.70
CA GLU B 256 17.46 11.23 28.51
C GLU B 256 17.77 9.84 27.97
N ILE B 257 17.07 9.46 26.89
CA ILE B 257 17.27 8.17 26.26
C ILE B 257 18.31 8.32 25.19
N LEU B 258 19.32 7.44 25.23
CA LEU B 258 20.48 7.52 24.34
C LEU B 258 20.18 6.84 23.01
N GLY B 259 20.45 7.54 21.92
CA GLY B 259 20.22 7.02 20.58
C GLY B 259 21.07 7.71 19.52
N ALA B 260 21.00 7.21 18.30
CA ALA B 260 21.80 7.73 17.19
C ALA B 260 21.16 8.96 16.53
N GLN B 261 22.02 9.81 15.95
CA GLN B 261 21.62 10.96 15.14
C GLN B 261 22.35 10.84 13.81
N PRO B 262 21.73 11.30 12.71
CA PRO B 262 22.34 11.02 11.40
C PRO B 262 23.68 11.74 11.19
N CYS B 263 24.53 11.15 10.35
CA CYS B 263 25.78 11.77 9.87
C CYS B 263 26.92 11.91 10.87
N THR B 264 26.77 11.24 12.02
CA THR B 264 27.80 11.24 13.05
C THR B 264 27.68 9.99 13.91
N GLU B 265 28.83 9.48 14.38
CA GLU B 265 28.88 8.35 15.29
C GLU B 265 28.54 8.71 16.74
N GLU B 266 28.49 10.01 17.00
CA GLU B 266 28.24 10.53 18.34
C GLU B 266 26.74 10.44 18.66
N PRO B 267 26.38 9.67 19.71
CA PRO B 267 24.97 9.54 20.11
C PRO B 267 24.47 10.77 20.87
N VAL B 268 23.16 10.85 21.08
CA VAL B 268 22.56 11.98 21.80
C VAL B 268 21.44 11.46 22.71
N ARG B 269 21.28 12.07 23.87
CA ARG B 269 20.17 11.75 24.76
C ARG B 269 19.00 12.68 24.49
N LEU B 270 17.82 12.08 24.25
CA LEU B 270 16.61 12.84 23.95
C LEU B 270 15.47 12.46 24.90
N THR B 271 14.48 13.35 25.00
CA THR B 271 13.39 13.22 25.97
C THR B 271 12.03 13.37 25.26
N GLY B 272 11.13 12.42 25.48
CA GLY B 272 9.76 12.47 24.92
C GLY B 272 9.01 11.15 25.03
N THR B 273 7.71 11.17 24.82
CA THR B 273 6.94 9.91 24.75
C THR B 273 7.43 9.06 23.57
N SER B 274 7.87 9.70 22.49
CA SER B 274 8.35 8.95 21.32
C SER B 274 9.76 8.34 21.50
N MET B 275 10.45 8.72 22.57
CA MET B 275 11.68 8.04 23.01
C MET B 275 11.37 6.85 23.93
N ALA B 276 10.27 6.95 24.68
CA ALA B 276 9.81 5.85 25.56
C ALA B 276 9.20 4.68 24.78
N ALA B 277 8.39 5.02 23.76
CA ALA B 277 7.69 4.02 22.93
C ALA B 277 8.61 2.92 22.35
N PRO B 278 9.79 3.30 21.77
CA PRO B 278 10.69 2.27 21.24
C PRO B 278 11.26 1.34 22.31
N VAL B 279 11.43 1.83 23.54
CA VAL B 279 11.83 0.96 24.65
C VAL B 279 10.79 -0.15 24.82
N MET B 280 9.51 0.21 24.81
CA MET B 280 8.44 -0.80 24.90
C MET B 280 8.32 -1.73 23.69
N THR B 281 8.55 -1.22 22.48
CA THR B 281 8.62 -2.08 21.29
C THR B 281 9.73 -3.12 21.41
N GLY B 282 10.89 -2.67 21.88
CA GLY B 282 12.03 -3.56 22.13
C GLY B 282 11.72 -4.61 23.17
N ILE B 283 11.13 -4.19 24.29
CA ILE B 283 10.78 -5.15 25.34
C ILE B 283 9.75 -6.15 24.83
N SER B 284 8.73 -5.66 24.11
CA SER B 284 7.70 -6.52 23.52
C SER B 284 8.32 -7.51 22.54
N ALA B 285 9.32 -7.06 21.77
CA ALA B 285 9.97 -7.93 20.78
C ALA B 285 10.76 -9.05 21.48
N LEU B 286 11.45 -8.71 22.56
CA LEU B 286 12.18 -9.68 23.38
C LEU B 286 11.26 -10.75 23.95
N LEU B 287 10.09 -10.32 24.46
CA LEU B 287 9.07 -11.26 24.97
C LEU B 287 8.52 -12.17 23.88
N MET B 288 8.27 -11.60 22.71
CA MET B 288 7.85 -12.40 21.57
C MET B 288 8.96 -13.38 21.15
N SER B 289 10.22 -12.95 21.26
CA SER B 289 11.37 -13.80 20.92
C SER B 289 11.41 -15.03 21.82
N LEU B 290 11.11 -14.83 23.11
CA LEU B 290 11.03 -15.93 24.08
C LEU B 290 9.92 -16.90 23.75
N GLN B 291 8.80 -16.39 23.23
CA GLN B 291 7.72 -17.26 22.75
C GLN B 291 8.14 -18.20 21.60
N VAL B 292 8.73 -17.63 20.55
CA VAL B 292 9.14 -18.41 19.36
C VAL B 292 10.34 -19.33 19.65
N GLN B 293 11.14 -18.93 20.64
CA GLN B 293 12.26 -19.70 21.13
C GLN B 293 11.82 -21.06 21.70
N GLN B 294 10.55 -21.17 22.07
CA GLN B 294 10.00 -22.38 22.65
C GLN B 294 8.95 -23.01 21.74
N PRO B 297 4.11 -20.25 18.80
CA PRO B 297 3.82 -19.09 17.96
C PRO B 297 3.84 -17.79 18.75
N VAL B 298 4.06 -16.68 18.04
CA VAL B 298 3.92 -15.35 18.62
C VAL B 298 2.50 -15.17 19.12
N ASP B 299 2.35 -14.55 20.28
CA ASP B 299 1.02 -14.21 20.75
C ASP B 299 1.09 -12.76 21.20
N ALA B 300 0.72 -11.84 20.29
CA ALA B 300 0.84 -10.38 20.55
C ALA B 300 -0.05 -9.94 21.69
N GLU B 301 -1.31 -10.42 21.71
CA GLU B 301 -2.28 -10.06 22.74
C GLU B 301 -1.81 -10.52 24.13
N ALA B 302 -1.25 -11.73 24.20
CA ALA B 302 -0.69 -12.24 25.47
C ALA B 302 0.43 -11.32 25.99
N VAL B 303 1.32 -10.90 25.08
CA VAL B 303 2.41 -9.99 25.46
C VAL B 303 1.87 -8.62 25.91
N ARG B 304 0.98 -8.04 25.08
CA ARG B 304 0.37 -6.73 25.42
C ARG B 304 -0.36 -6.79 26.77
N THR B 305 -1.20 -7.81 26.96
CA THR B 305 -1.98 -7.89 28.18
C THR B 305 -1.13 -8.20 29.42
N ALA B 306 -0.09 -9.03 29.26
CA ALA B 306 0.84 -9.29 30.37
C ALA B 306 1.55 -8.00 30.82
N LEU B 307 1.96 -7.19 29.86
CA LEU B 307 2.60 -5.91 30.21
C LEU B 307 1.65 -4.96 30.91
N LEU B 308 0.41 -4.82 30.42
CA LEU B 308 -0.57 -3.90 31.01
C LEU B 308 -1.02 -4.33 32.40
N LYS B 309 -1.29 -5.63 32.54
CA LYS B 309 -1.78 -6.19 33.80
C LYS B 309 -0.75 -6.23 34.91
N THR B 310 0.54 -6.15 34.58
CA THR B 310 1.59 -6.15 35.62
C THR B 310 2.24 -4.79 35.84
N ALA B 311 1.87 -3.81 35.02
CA ALA B 311 2.43 -2.47 35.17
C ALA B 311 2.19 -1.98 36.58
N ILE B 312 3.20 -1.30 37.13
CA ILE B 312 3.20 -0.89 38.54
C ILE B 312 2.65 0.53 38.71
N PRO B 313 1.47 0.65 39.35
CA PRO B 313 0.85 1.99 39.49
C PRO B 313 1.76 2.92 40.30
N CYS B 314 1.74 4.22 40.01
CA CYS B 314 2.58 5.16 40.76
C CYS B 314 2.00 5.41 42.15
N ASP B 315 2.89 5.64 43.10
CA ASP B 315 2.52 5.92 44.48
C ASP B 315 1.85 7.31 44.55
N PRO B 316 0.55 7.36 44.91
CA PRO B 316 -0.18 8.64 44.98
C PRO B 316 0.39 9.63 45.99
N GLU B 317 1.27 9.18 46.87
CA GLU B 317 2.00 10.06 47.80
C GLU B 317 3.13 10.81 47.09
N VAL B 318 3.64 10.20 46.02
CA VAL B 318 4.78 10.74 45.28
C VAL B 318 4.33 11.45 44.00
N VAL B 319 3.33 10.87 43.34
CA VAL B 319 2.78 11.45 42.11
C VAL B 319 1.39 11.99 42.35
N GLU B 320 1.21 13.28 42.07
CA GLU B 320 -0.03 13.97 42.38
C GLU B 320 -1.21 13.35 41.66
N GLU B 321 -1.04 13.08 40.36
CA GLU B 321 -2.05 12.44 39.54
C GLU B 321 -1.52 11.09 38.97
N PRO B 322 -1.77 9.98 39.69
CA PRO B 322 -1.22 8.68 39.28
C PRO B 322 -1.74 8.18 37.93
N GLU B 323 -2.83 8.75 37.43
CA GLU B 323 -3.32 8.37 36.11
C GLU B 323 -2.39 8.81 34.97
N ARG B 324 -1.49 9.74 35.26
CA ARG B 324 -0.43 10.13 34.32
C ARG B 324 0.52 8.98 34.03
N CYS B 325 0.56 7.99 34.94
CA CYS B 325 1.39 6.79 34.73
C CYS B 325 0.70 5.72 33.90
N LEU B 326 -0.52 6.02 33.46
CA LEU B 326 -1.32 5.11 32.61
C LEU B 326 -1.59 3.84 33.42
N ARG B 327 -1.38 2.64 32.87
CA ARG B 327 -1.66 1.43 33.69
C ARG B 327 -0.58 1.27 34.75
N GLY B 328 0.53 1.96 34.57
CA GLY B 328 1.62 1.95 35.52
C GLY B 328 2.95 1.88 34.80
N PHE B 329 4.02 1.80 35.58
CA PHE B 329 5.37 1.71 35.02
C PHE B 329 5.66 0.26 34.56
N VAL B 330 6.36 0.09 33.43
CA VAL B 330 6.74 -1.25 32.93
C VAL B 330 7.39 -2.15 34.00
N ASN B 331 6.94 -3.39 34.03
CA ASN B 331 7.30 -4.36 35.05
C ASN B 331 7.65 -5.67 34.31
N ILE B 332 8.89 -5.75 33.82
CA ILE B 332 9.35 -6.97 33.13
C ILE B 332 9.24 -8.23 34.03
N PRO B 333 9.74 -8.15 35.28
CA PRO B 333 9.61 -9.35 36.15
C PRO B 333 8.18 -9.86 36.25
N GLY B 334 7.21 -8.95 36.43
CA GLY B 334 5.81 -9.35 36.48
C GLY B 334 5.30 -9.91 35.17
N ALA B 335 5.69 -9.31 34.05
CA ALA B 335 5.25 -9.81 32.75
C ALA B 335 5.80 -11.21 32.45
N MET B 336 7.06 -11.44 32.84
CA MET B 336 7.73 -12.74 32.67
C MET B 336 7.06 -13.84 33.49
N LYS B 337 6.56 -13.46 34.66
CA LYS B 337 5.82 -14.39 35.52
C LYS B 337 4.48 -14.79 34.88
N VAL B 338 3.76 -13.81 34.36
CA VAL B 338 2.49 -14.05 33.67
C VAL B 338 2.66 -14.94 32.43
N LEU B 339 3.68 -14.63 31.63
CA LEU B 339 3.88 -15.29 30.33
C LEU B 339 4.55 -16.64 30.50
N PHE B 340 5.54 -16.69 31.37
CA PHE B 340 6.42 -17.85 31.44
C PHE B 340 6.48 -18.54 32.80
N GLY B 341 5.83 -17.96 33.82
CA GLY B 341 5.82 -18.54 35.18
C GLY B 341 7.13 -18.36 35.92
N GLN B 342 7.95 -17.43 35.45
CA GLN B 342 9.28 -17.24 36.03
C GLN B 342 9.21 -16.58 37.41
#